data_5GGP
#
_entry.id   5GGP
#
_cell.length_a   111.113
_cell.length_b   49.743
_cell.length_c   61.716
_cell.angle_alpha   90.00
_cell.angle_beta   105.89
_cell.angle_gamma   90.00
#
_symmetry.space_group_name_H-M   'C 1 2 1'
#
loop_
_entity.id
_entity.type
_entity.pdbx_description
1 polymer 'Protein O-linked-mannose beta-1,2-N-acetylglucosaminyltransferase 1'
2 polymer '10-mer Peptide from Dystroglycan'
3 branched 2-acetamido-2-deoxy-beta-D-glucopyranose-(1-2)-alpha-D-mannopyranose
4 non-polymer 'SODIUM ION'
5 water water
#
loop_
_entity_poly.entity_id
_entity_poly.type
_entity_poly.pdbx_seq_one_letter_code
_entity_poly.pdbx_strand_id
1 'polypeptide(L)'
;GPLGSGSGPRRVLDVEVYSSRSKVYVAVDGTTVLEDEAREQGRGIHVIVLNQATGHVMAKRVFDTYSPHEDEAMVLFLNM
VAPGRVLICTVKDEGSFHLKDTAKALLRSLGSQAGPALGWRDTWAFVGRKGGPVFGEKHSKSPALSSWGDPVLLKTDVPL
SSAE
;
A,B
2 'polypeptide(L)' ATPTPVTAIG C,D
#
loop_
_chem_comp.id
_chem_comp.type
_chem_comp.name
_chem_comp.formula
MAN D-saccharide, alpha linking alpha-D-mannopyranose 'C6 H12 O6'
NA non-polymer 'SODIUM ION' 'Na 1'
NAG D-saccharide, beta linking 2-acetamido-2-deoxy-beta-D-glucopyranose 'C8 H15 N O6'
#
# COMPACT_ATOMS: atom_id res chain seq x y z
N VAL A 12 12.64 -17.35 8.30
CA VAL A 12 12.58 -15.94 8.67
C VAL A 12 11.83 -15.12 7.62
N LEU A 13 11.26 -14.00 8.06
CA LEU A 13 10.61 -13.05 7.17
C LEU A 13 11.55 -11.90 6.83
N ASP A 14 11.62 -11.54 5.55
CA ASP A 14 12.39 -10.39 5.12
C ASP A 14 11.44 -9.21 5.25
N VAL A 15 11.73 -8.31 6.18
CA VAL A 15 10.84 -7.19 6.44
C VAL A 15 11.51 -5.86 6.11
N GLU A 16 10.85 -5.04 5.31
CA GLU A 16 11.37 -3.71 4.99
C GLU A 16 10.43 -2.65 5.49
N VAL A 17 10.95 -1.65 6.17
CA VAL A 17 10.11 -0.60 6.73
C VAL A 17 10.71 0.78 6.46
N TYR A 18 9.93 1.61 5.77
CA TYR A 18 10.42 2.93 5.36
C TYR A 18 9.58 4.05 5.97
N SER A 19 10.27 5.03 6.56
CA SER A 19 9.66 6.20 7.17
C SER A 19 10.24 7.50 6.61
N SER A 20 9.38 8.45 6.27
CA SER A 20 9.84 9.71 5.73
C SER A 20 8.74 10.75 5.77
N ARG A 21 9.11 11.99 5.49
CA ARG A 21 8.16 13.08 5.33
C ARG A 21 7.01 12.75 4.39
N SER A 22 7.33 12.22 3.21
CA SER A 22 6.36 12.15 2.13
C SER A 22 5.79 10.78 1.83
N LYS A 23 6.35 9.74 2.45
CA LYS A 23 6.02 8.39 2.04
C LYS A 23 6.36 7.34 3.11
N VAL A 24 5.47 6.38 3.30
CA VAL A 24 5.82 5.18 4.06
C VAL A 24 5.57 3.96 3.19
N TYR A 25 6.35 2.91 3.42
CA TYR A 25 6.01 1.64 2.81
C TYR A 25 6.54 0.54 3.70
N VAL A 26 5.86 -0.58 3.66
CA VAL A 26 6.32 -1.77 4.37
C VAL A 26 6.21 -2.94 3.41
N ALA A 27 7.22 -3.78 3.39
CA ALA A 27 7.15 -5.00 2.60
C ALA A 27 7.53 -6.18 3.44
N VAL A 28 6.90 -7.32 3.15
CA VAL A 28 7.23 -8.56 3.82
C VAL A 28 7.50 -9.65 2.78
N ASP A 29 8.70 -10.22 2.84
CA ASP A 29 9.13 -11.24 1.88
C ASP A 29 8.91 -10.81 0.42
N GLY A 30 9.18 -9.55 0.12
CA GLY A 30 9.10 -9.07 -1.25
C GLY A 30 7.74 -8.55 -1.67
N THR A 31 6.73 -8.76 -0.84
CA THR A 31 5.41 -8.22 -1.10
C THR A 31 5.17 -6.95 -0.29
N THR A 32 4.83 -5.88 -0.97
CA THR A 32 4.55 -4.61 -0.31
C THR A 32 3.15 -4.67 0.26
N VAL A 33 3.01 -4.47 1.56
CA VAL A 33 1.73 -4.59 2.22
C VAL A 33 1.19 -3.23 2.63
N LEU A 34 1.99 -2.18 2.43
CA LEU A 34 1.57 -0.82 2.71
C LEU A 34 2.38 0.14 1.88
N GLU A 35 1.70 1.06 1.18
CA GLU A 35 2.39 2.15 0.52
C GLU A 35 1.49 3.37 0.57
N ASP A 36 2.02 4.47 1.08
CA ASP A 36 1.21 5.67 1.24
C ASP A 36 2.12 6.86 1.02
N GLU A 37 1.81 7.65 0.00
CA GLU A 37 2.61 8.82 -0.30
C GLU A 37 1.74 10.06 -0.51
N ALA A 38 0.50 9.99 -0.02
CA ALA A 38 -0.41 11.15 -0.05
C ALA A 38 0.17 12.35 0.68
N ARG A 39 -0.26 13.53 0.25
CA ARG A 39 0.03 14.75 1.00
C ARG A 39 -1.08 14.99 2.03
N GLU A 40 -2.34 14.77 1.60
CA GLU A 40 -3.53 15.15 2.36
C GLU A 40 -4.01 14.11 3.39
N GLN A 41 -3.41 12.93 3.37
CA GLN A 41 -3.90 11.80 4.16
C GLN A 41 -2.74 10.92 4.55
N GLY A 42 -2.93 10.10 5.59
CA GLY A 42 -1.91 9.13 5.98
C GLY A 42 -0.84 9.61 6.94
N ARG A 43 -0.98 10.84 7.41
CA ARG A 43 -0.02 11.37 8.38
C ARG A 43 -0.09 10.57 9.66
N GLY A 44 1.06 10.36 10.29
CA GLY A 44 1.07 9.79 11.63
C GLY A 44 1.83 8.48 11.75
N ILE A 45 1.44 7.67 12.73
CA ILE A 45 2.08 6.40 12.97
C ILE A 45 1.28 5.30 12.32
N HIS A 46 1.89 4.63 11.35
CA HIS A 46 1.29 3.46 10.72
C HIS A 46 1.66 2.24 11.51
N VAL A 47 0.67 1.41 11.83
CA VAL A 47 0.91 0.23 12.65
C VAL A 47 0.43 -1.01 11.92
N ILE A 48 1.30 -1.99 11.77
CA ILE A 48 0.95 -3.26 11.14
C ILE A 48 1.19 -4.39 12.11
N VAL A 49 0.25 -5.34 12.16
CA VAL A 49 0.36 -6.51 13.01
C VAL A 49 0.48 -7.75 12.12
N LEU A 50 1.55 -8.51 12.29
CA LEU A 50 1.76 -9.76 11.55
C LEU A 50 1.50 -10.96 12.45
N ASN A 51 0.94 -12.01 11.85
CA ASN A 51 0.90 -13.31 12.50
C ASN A 51 2.34 -13.80 12.66
N GLN A 52 2.73 -14.16 13.87
CA GLN A 52 4.14 -14.47 14.14
C GLN A 52 4.56 -15.83 13.58
N ALA A 53 3.59 -16.63 13.15
CA ALA A 53 3.90 -17.96 12.64
C ALA A 53 3.88 -18.02 11.11
N THR A 54 3.27 -17.03 10.47
CA THR A 54 3.10 -17.04 9.01
C THR A 54 3.55 -15.76 8.33
N GLY A 55 3.58 -14.66 9.07
CA GLY A 55 3.90 -13.37 8.48
C GLY A 55 2.74 -12.65 7.83
N HIS A 56 1.57 -13.31 7.80
CA HIS A 56 0.36 -12.70 7.26
C HIS A 56 -0.03 -11.45 8.05
N VAL A 57 -0.45 -10.40 7.34
CA VAL A 57 -0.92 -9.18 7.99
C VAL A 57 -2.30 -9.39 8.60
N MET A 58 -2.39 -9.21 9.91
CA MET A 58 -3.64 -9.43 10.63
C MET A 58 -4.45 -8.15 10.76
N ALA A 59 -3.74 -7.02 10.78
CA ALA A 59 -4.39 -5.72 10.93
C ALA A 59 -3.46 -4.64 10.45
N LYS A 60 -4.03 -3.57 9.94
CA LYS A 60 -3.21 -2.45 9.52
C LYS A 60 -3.96 -1.18 9.87
N ARG A 61 -3.28 -0.21 10.46
CA ARG A 61 -3.93 1.02 10.88
C ARG A 61 -3.03 2.21 10.68
N VAL A 62 -3.61 3.41 10.79
CA VAL A 62 -2.82 4.62 10.83
C VAL A 62 -3.46 5.55 11.84
N PHE A 63 -2.63 6.03 12.76
CA PHE A 63 -3.10 6.93 13.79
C PHE A 63 -2.42 8.27 13.58
N ASP A 64 -3.22 9.29 13.31
CA ASP A 64 -2.69 10.61 13.03
C ASP A 64 -2.32 11.31 14.33
N THR A 65 -1.19 10.91 14.90
CA THR A 65 -0.81 11.36 16.23
C THR A 65 -0.25 12.80 16.23
N TYR A 66 -0.19 13.40 15.06
CA TYR A 66 0.00 14.84 14.94
C TYR A 66 -1.23 15.56 15.50
N SER A 67 -2.39 14.93 15.34
CA SER A 67 -3.69 15.47 15.73
C SER A 67 -4.10 15.00 17.12
N PRO A 68 -4.87 15.83 17.83
CA PRO A 68 -5.27 15.49 19.21
C PRO A 68 -6.04 14.18 19.30
N HIS A 69 -5.69 13.41 20.34
CA HIS A 69 -6.39 12.21 20.80
C HIS A 69 -6.22 10.96 19.95
N GLU A 70 -5.51 11.06 18.82
CA GLU A 70 -5.31 9.86 18.01
C GLU A 70 -4.36 8.89 18.70
N ASP A 71 -3.51 9.39 19.58
CA ASP A 71 -2.60 8.52 20.30
C ASP A 71 -3.38 7.61 21.28
N GLU A 72 -4.51 8.11 21.77
CA GLU A 72 -5.36 7.32 22.64
C GLU A 72 -5.91 6.11 21.87
N ALA A 73 -6.35 6.34 20.64
CA ALA A 73 -6.81 5.28 19.75
C ALA A 73 -5.71 4.27 19.46
N MET A 74 -4.50 4.74 19.20
CA MET A 74 -3.37 3.84 18.99
C MET A 74 -3.11 2.93 20.21
N VAL A 75 -3.09 3.54 21.40
CA VAL A 75 -2.96 2.77 22.65
C VAL A 75 -4.05 1.70 22.80
N LEU A 76 -5.29 2.09 22.51
CA LEU A 76 -6.41 1.16 22.66
C LEU A 76 -6.30 0.04 21.63
N PHE A 77 -5.79 0.36 20.44
CA PHE A 77 -5.55 -0.67 19.45
C PHE A 77 -4.41 -1.60 19.87
N LEU A 78 -3.29 -1.04 20.32
CA LEU A 78 -2.14 -1.85 20.72
C LEU A 78 -2.45 -2.76 21.91
N ASN A 79 -3.31 -2.28 22.80
CA ASN A 79 -3.73 -3.04 23.97
C ASN A 79 -4.31 -4.38 23.58
N MET A 80 -5.11 -4.40 22.51
CA MET A 80 -5.83 -5.61 22.11
C MET A 80 -5.02 -6.54 21.21
N VAL A 81 -3.79 -6.18 20.91
CA VAL A 81 -2.92 -7.07 20.17
C VAL A 81 -2.44 -8.18 21.12
N ALA A 82 -2.54 -9.43 20.68
CA ALA A 82 -2.09 -10.55 21.51
C ALA A 82 -0.58 -10.51 21.69
N PRO A 83 -0.11 -10.78 22.91
CA PRO A 83 1.33 -10.96 23.12
C PRO A 83 1.86 -11.98 22.12
N GLY A 84 3.00 -11.70 21.49
CA GLY A 84 3.55 -12.62 20.52
C GLY A 84 3.44 -12.16 19.08
N ARG A 85 2.43 -11.35 18.77
CA ARG A 85 2.31 -10.78 17.43
C ARG A 85 3.50 -9.92 17.10
N VAL A 86 3.82 -9.83 15.81
CA VAL A 86 4.86 -8.92 15.36
C VAL A 86 4.25 -7.56 15.10
N LEU A 87 4.88 -6.53 15.67
CA LEU A 87 4.43 -5.16 15.42
C LEU A 87 5.40 -4.44 14.52
N ILE A 88 4.85 -3.69 13.57
CA ILE A 88 5.65 -2.82 12.73
C ILE A 88 5.08 -1.42 12.87
N CYS A 89 5.94 -0.44 13.15
CA CYS A 89 5.53 0.96 13.21
C CYS A 89 6.32 1.80 12.24
N THR A 90 5.67 2.74 11.57
CA THR A 90 6.44 3.65 10.75
C THR A 90 5.72 4.99 10.62
N VAL A 91 6.50 6.06 10.70
CA VAL A 91 5.94 7.42 10.69
C VAL A 91 5.93 8.00 9.30
N LYS A 92 4.78 8.54 8.93
CA LYS A 92 4.71 9.38 7.75
C LYS A 92 4.51 10.84 8.18
N ASP A 93 5.43 11.71 7.74
CA ASP A 93 5.36 13.16 7.96
C ASP A 93 5.56 13.57 9.45
N GLU A 94 4.60 13.29 10.32
CA GLU A 94 4.68 13.77 11.69
C GLU A 94 3.86 12.89 12.59
N GLY A 95 4.53 12.32 13.60
CA GLY A 95 3.83 11.46 14.54
C GLY A 95 3.93 11.80 16.02
N SER A 96 4.48 12.97 16.34
CA SER A 96 4.82 13.31 17.73
C SER A 96 4.00 14.44 18.37
N PHE A 97 3.39 15.31 17.56
CA PHE A 97 2.85 16.59 18.08
C PHE A 97 1.88 16.34 19.23
N HIS A 98 1.01 15.35 19.08
CA HIS A 98 0.06 15.03 20.13
C HIS A 98 0.20 13.57 20.59
N LEU A 99 1.43 13.08 20.54
CA LEU A 99 1.83 11.82 21.14
C LEU A 99 2.15 12.04 22.63
N LYS A 100 1.23 11.63 23.50
CA LYS A 100 1.33 11.97 24.91
C LYS A 100 2.09 10.91 25.72
N ASP A 101 2.28 11.18 27.01
CA ASP A 101 3.17 10.35 27.81
C ASP A 101 2.74 8.90 27.94
N THR A 102 1.42 8.65 28.01
CA THR A 102 0.96 7.28 28.15
C THR A 102 1.35 6.45 26.92
N ALA A 103 1.09 6.99 25.72
CA ALA A 103 1.46 6.32 24.48
C ALA A 103 2.97 6.14 24.39
N LYS A 104 3.71 7.16 24.80
CA LYS A 104 5.16 7.07 24.78
C LYS A 104 5.66 5.95 25.69
N ALA A 105 5.08 5.85 26.89
CA ALA A 105 5.47 4.83 27.86
C ALA A 105 5.15 3.45 27.34
N LEU A 106 4.03 3.34 26.65
CA LEU A 106 3.60 2.07 26.07
C LEU A 106 4.59 1.63 25.02
N LEU A 107 5.02 2.55 24.17
CA LEU A 107 5.98 2.19 23.14
C LEU A 107 7.30 1.73 23.80
N ARG A 108 7.69 2.38 24.91
CA ARG A 108 8.91 2.01 25.62
C ARG A 108 8.77 0.62 26.18
N SER A 109 7.57 0.28 26.63
CA SER A 109 7.38 -1.03 27.22
C SER A 109 7.41 -2.09 26.13
N LEU A 110 7.15 -1.68 24.90
CA LEU A 110 7.22 -2.57 23.75
C LEU A 110 8.67 -2.77 23.30
N GLY A 111 9.60 -2.08 23.96
CA GLY A 111 11.02 -2.21 23.70
C GLY A 111 11.60 -1.15 22.77
N SER A 112 10.76 -0.23 22.32
CA SER A 112 11.19 0.81 21.40
C SER A 112 12.04 1.85 22.12
N GLN A 113 13.18 2.18 21.53
CA GLN A 113 14.05 3.22 22.07
C GLN A 113 13.64 4.61 21.60
N ALA A 114 13.29 4.70 20.32
CA ALA A 114 13.04 6.00 19.72
C ALA A 114 11.59 6.45 19.86
N GLY A 115 10.66 5.50 19.86
CA GLY A 115 9.25 5.82 20.04
C GLY A 115 8.95 6.77 21.21
N PRO A 116 9.43 6.44 22.42
CA PRO A 116 9.21 7.30 23.60
C PRO A 116 9.83 8.67 23.42
N ALA A 117 10.85 8.75 22.58
CA ALA A 117 11.60 9.97 22.38
C ALA A 117 11.22 10.68 21.09
N LEU A 118 10.16 10.20 20.45
CA LEU A 118 9.77 10.75 19.14
C LEU A 118 9.43 12.24 19.25
N GLY A 119 10.01 13.00 18.33
CA GLY A 119 9.88 14.45 18.32
C GLY A 119 9.37 14.98 16.98
N TRP A 120 9.20 16.29 16.94
CA TRP A 120 8.54 16.98 15.82
C TRP A 120 9.20 16.71 14.47
N ARG A 121 8.44 16.06 13.59
CA ARG A 121 8.88 15.73 12.23
C ARG A 121 10.07 14.79 12.18
N ASP A 122 10.29 14.05 13.25
CA ASP A 122 11.25 12.96 13.25
C ASP A 122 10.75 11.82 12.37
N THR A 123 11.66 11.01 11.86
CA THR A 123 11.28 9.76 11.19
C THR A 123 11.56 8.61 12.11
N TRP A 124 10.82 7.53 11.91
CA TRP A 124 10.90 6.40 12.82
C TRP A 124 10.38 5.11 12.19
N ALA A 125 11.17 4.06 12.28
CA ALA A 125 10.75 2.75 11.77
C ALA A 125 11.08 1.68 12.83
N PHE A 126 10.16 0.76 13.08
CA PHE A 126 10.28 -0.13 14.22
C PHE A 126 9.67 -1.49 13.91
N VAL A 127 10.37 -2.57 14.26
CA VAL A 127 9.79 -3.90 14.17
C VAL A 127 10.13 -4.69 15.42
N GLY A 128 9.11 -5.20 16.10
CA GLY A 128 9.31 -5.88 17.36
C GLY A 128 8.14 -6.79 17.68
N ARG A 129 8.39 -7.83 18.47
CA ARG A 129 7.35 -8.71 18.96
C ARG A 129 6.73 -8.13 20.22
N LYS A 130 5.40 -8.12 20.31
CA LYS A 130 4.77 -7.74 21.56
C LYS A 130 5.07 -8.80 22.63
N GLY A 131 5.82 -8.39 23.65
CA GLY A 131 6.18 -9.30 24.73
C GLY A 131 7.54 -9.93 24.55
N GLY A 132 8.18 -9.61 23.44
CA GLY A 132 9.50 -10.16 23.15
C GLY A 132 10.43 -9.08 22.65
N PRO A 133 11.53 -9.50 22.00
CA PRO A 133 12.60 -8.57 21.61
C PRO A 133 12.25 -7.71 20.42
N VAL A 134 12.99 -6.62 20.28
CA VAL A 134 12.95 -5.80 19.09
C VAL A 134 13.79 -6.45 18.00
N PHE A 135 13.30 -6.43 16.77
CA PHE A 135 14.04 -7.00 15.66
C PHE A 135 14.82 -5.95 14.89
N GLY A 136 14.32 -4.72 14.89
CA GLY A 136 14.99 -3.60 14.27
C GLY A 136 14.35 -2.26 14.58
N GLU A 137 15.16 -1.20 14.52
CA GLU A 137 14.64 0.14 14.76
C GLU A 137 15.57 1.19 14.19
N LYS A 138 15.02 2.17 13.51
CA LYS A 138 15.79 3.33 13.06
C LYS A 138 15.03 4.62 13.33
N HIS A 139 15.77 5.71 13.49
CA HIS A 139 15.17 6.98 13.85
C HIS A 139 16.08 8.10 13.39
N SER A 140 15.50 9.15 12.81
CA SER A 140 16.27 10.32 12.46
C SER A 140 15.57 11.57 12.98
N LYS A 141 16.33 12.46 13.60
CA LYS A 141 15.79 13.68 14.19
C LYS A 141 15.71 14.81 13.17
N SER A 142 14.58 15.49 13.17
CA SER A 142 14.50 16.77 12.46
C SER A 142 15.52 17.75 13.02
N PRO A 143 16.30 18.40 12.14
CA PRO A 143 17.36 19.34 12.55
C PRO A 143 16.86 20.77 12.75
N ALA A 144 15.61 21.02 12.42
CA ALA A 144 15.06 22.38 12.43
C ALA A 144 13.56 22.30 12.25
N LEU A 145 12.84 23.31 12.75
CA LEU A 145 11.40 23.20 12.86
C LEU A 145 10.71 23.03 11.50
N SER A 146 11.29 23.60 10.45
CA SER A 146 10.67 23.50 9.13
C SER A 146 11.29 22.37 8.31
N SER A 147 12.03 21.50 8.97
CA SER A 147 12.68 20.37 8.33
C SER A 147 12.19 19.07 8.94
N TRP A 148 12.44 17.98 8.21
CA TRP A 148 12.08 16.65 8.63
C TRP A 148 13.33 15.82 8.91
N GLY A 149 13.17 14.79 9.74
CA GLY A 149 14.22 13.81 9.90
C GLY A 149 14.55 13.18 8.55
N ASP A 150 15.76 12.64 8.43
CA ASP A 150 16.20 11.96 7.23
C ASP A 150 15.33 10.72 7.06
N PRO A 151 14.90 10.42 5.84
CA PRO A 151 14.21 9.13 5.67
C PRO A 151 15.04 7.96 6.17
N VAL A 152 14.40 6.96 6.78
CA VAL A 152 15.13 5.77 7.19
C VAL A 152 14.53 4.55 6.53
N LEU A 153 15.41 3.63 6.13
CA LEU A 153 15.01 2.39 5.50
C LEU A 153 15.52 1.22 6.32
N LEU A 154 14.61 0.61 7.06
CA LEU A 154 14.93 -0.53 7.91
C LEU A 154 14.66 -1.84 7.19
N LYS A 155 15.70 -2.65 7.01
CA LYS A 155 15.53 -3.97 6.42
C LYS A 155 16.07 -4.99 7.41
N THR A 156 15.18 -5.84 7.91
CA THR A 156 15.56 -6.80 8.95
C THR A 156 14.87 -8.15 8.81
N ASP A 157 15.51 -9.19 9.34
CA ASP A 157 14.93 -10.54 9.39
C ASP A 157 14.09 -10.74 10.64
N VAL A 158 12.91 -11.33 10.46
CA VAL A 158 12.02 -11.64 11.58
C VAL A 158 11.79 -13.15 11.62
N PRO A 159 12.19 -13.80 12.73
CA PRO A 159 12.01 -15.26 12.80
C PRO A 159 10.55 -15.65 12.95
N LEU A 160 10.09 -16.62 12.18
CA LEU A 160 8.76 -17.21 12.39
C LEU A 160 8.81 -18.00 13.69
N SER A 161 7.75 -17.89 14.48
CA SER A 161 7.72 -18.44 15.84
C SER A 161 8.17 -19.90 15.90
N VAL B 12 -7.01 19.81 -15.85
CA VAL B 12 -7.02 18.53 -16.58
C VAL B 12 -5.65 17.87 -16.70
N LEU B 13 -5.53 16.64 -16.22
CA LEU B 13 -4.23 15.97 -16.23
C LEU B 13 -4.19 14.82 -17.21
N ASP B 14 -3.18 14.80 -18.07
CA ASP B 14 -2.97 13.70 -19.02
C ASP B 14 -2.53 12.42 -18.32
N VAL B 15 -3.07 11.30 -18.76
CA VAL B 15 -2.77 10.01 -18.17
C VAL B 15 -2.55 9.01 -19.31
N GLU B 16 -1.49 8.21 -19.18
CA GLU B 16 -1.11 7.18 -20.15
C GLU B 16 -0.90 5.91 -19.38
N VAL B 17 -1.51 4.82 -19.85
CA VAL B 17 -1.48 3.55 -19.14
C VAL B 17 -1.19 2.40 -20.09
N TYR B 18 -0.12 1.67 -19.83
CA TYR B 18 0.23 0.51 -20.63
C TYR B 18 0.04 -0.76 -19.83
N SER B 19 -0.64 -1.71 -20.44
CA SER B 19 -0.80 -3.06 -19.87
C SER B 19 -0.36 -4.07 -20.91
N SER B 20 0.45 -5.04 -20.49
CA SER B 20 0.97 -6.02 -21.41
C SER B 20 1.53 -7.20 -20.65
N ARG B 21 1.86 -8.24 -21.40
CA ARG B 21 2.53 -9.42 -20.87
C ARG B 21 3.77 -9.05 -20.07
N SER B 22 4.63 -8.19 -20.63
CA SER B 22 5.97 -8.04 -20.08
C SER B 22 6.19 -6.74 -19.33
N LYS B 23 5.27 -5.80 -19.45
CA LYS B 23 5.51 -4.47 -18.92
C LYS B 23 4.25 -3.71 -18.58
N VAL B 24 4.32 -2.93 -17.51
CA VAL B 24 3.30 -1.93 -17.26
C VAL B 24 3.96 -0.58 -17.15
N TYR B 25 3.19 0.45 -17.48
CA TYR B 25 3.67 1.81 -17.45
C TYR B 25 2.49 2.74 -17.15
N VAL B 26 2.71 3.71 -16.26
CA VAL B 26 1.74 4.77 -16.04
C VAL B 26 2.45 6.11 -15.95
N ALA B 27 1.97 7.06 -16.73
CA ALA B 27 2.44 8.44 -16.60
C ALA B 27 1.25 9.38 -16.33
N VAL B 28 1.51 10.40 -15.52
CA VAL B 28 0.50 11.39 -15.17
C VAL B 28 1.10 12.78 -15.31
N ASP B 29 0.48 13.61 -16.15
CA ASP B 29 0.94 14.98 -16.33
C ASP B 29 2.41 15.01 -16.79
N GLY B 30 2.80 13.97 -17.52
CA GLY B 30 4.14 13.89 -18.08
C GLY B 30 5.19 13.22 -17.19
N THR B 31 4.82 12.88 -15.97
CA THR B 31 5.77 12.23 -15.06
C THR B 31 5.47 10.75 -14.99
N THR B 32 6.52 9.93 -15.09
CA THR B 32 6.36 8.49 -14.94
C THR B 32 6.13 8.14 -13.48
N VAL B 33 5.00 7.49 -13.21
CA VAL B 33 4.60 7.16 -11.86
C VAL B 33 4.80 5.68 -11.62
N LEU B 34 4.75 4.91 -12.70
CA LEU B 34 4.93 3.46 -12.63
C LEU B 34 5.62 2.98 -13.90
N GLU B 35 6.68 2.19 -13.76
CA GLU B 35 7.27 1.54 -14.91
C GLU B 35 7.97 0.27 -14.46
N ASP B 36 7.42 -0.87 -14.88
CA ASP B 36 7.91 -2.15 -14.40
C ASP B 36 7.98 -3.12 -15.55
N GLU B 37 9.20 -3.48 -15.92
CA GLU B 37 9.45 -4.36 -17.06
C GLU B 37 10.19 -5.61 -16.56
N ALA B 38 10.12 -5.85 -15.26
CA ALA B 38 10.83 -6.97 -14.67
C ALA B 38 10.29 -8.32 -15.12
N ARG B 39 11.16 -9.31 -15.21
CA ARG B 39 10.80 -10.66 -15.62
C ARG B 39 10.01 -11.46 -14.57
N GLU B 40 10.45 -11.41 -13.32
CA GLU B 40 9.85 -12.25 -12.28
C GLU B 40 9.35 -11.50 -11.04
N GLN B 41 9.04 -10.23 -11.20
CA GLN B 41 8.29 -9.51 -10.18
C GLN B 41 7.33 -8.53 -10.85
N GLY B 42 6.39 -8.03 -10.07
CA GLY B 42 5.44 -7.05 -10.55
C GLY B 42 4.25 -7.63 -11.29
N ARG B 43 4.12 -8.96 -11.30
CA ARG B 43 2.96 -9.60 -11.90
C ARG B 43 1.67 -9.20 -11.21
N GLY B 44 0.61 -9.00 -11.97
CA GLY B 44 -0.69 -8.79 -11.37
C GLY B 44 -1.31 -7.45 -11.68
N ILE B 45 -2.17 -7.00 -10.78
CA ILE B 45 -2.96 -5.80 -10.97
C ILE B 45 -2.32 -4.68 -10.22
N HIS B 46 -1.79 -3.71 -10.96
CA HIS B 46 -1.22 -2.50 -10.38
C HIS B 46 -2.33 -1.49 -10.21
N VAL B 47 -2.39 -0.86 -9.03
CA VAL B 47 -3.44 0.10 -8.73
C VAL B 47 -2.76 1.37 -8.24
N ILE B 48 -3.09 2.48 -8.88
CA ILE B 48 -2.57 3.76 -8.46
C ILE B 48 -3.74 4.64 -8.05
N VAL B 49 -3.60 5.31 -6.92
CA VAL B 49 -4.65 6.17 -6.39
C VAL B 49 -4.17 7.61 -6.46
N LEU B 50 -4.97 8.49 -7.07
CA LEU B 50 -4.69 9.93 -7.13
C LEU B 50 -5.72 10.78 -6.39
N ASN B 51 -5.24 11.87 -5.81
CA ASN B 51 -6.12 12.88 -5.25
C ASN B 51 -6.87 13.57 -6.40
N GLN B 52 -8.20 13.53 -6.37
CA GLN B 52 -9.01 14.02 -7.49
C GLN B 52 -8.99 15.55 -7.60
N ALA B 53 -8.47 16.20 -6.57
CA ALA B 53 -8.41 17.65 -6.54
C ALA B 53 -7.08 18.18 -7.10
N THR B 54 -6.01 17.42 -6.91
CA THR B 54 -4.66 17.88 -7.23
C THR B 54 -3.90 17.00 -8.21
N GLY B 55 -4.32 15.75 -8.35
CA GLY B 55 -3.58 14.79 -9.15
C GLY B 55 -2.38 14.19 -8.43
N HIS B 56 -2.20 14.54 -7.16
CA HIS B 56 -1.13 13.97 -6.37
C HIS B 56 -1.32 12.47 -6.19
N VAL B 57 -0.25 11.69 -6.33
CA VAL B 57 -0.35 10.24 -6.11
C VAL B 57 -0.48 9.98 -4.61
N MET B 58 -1.50 9.20 -4.24
CA MET B 58 -1.74 8.89 -2.85
C MET B 58 -1.19 7.51 -2.45
N ALA B 59 -1.28 6.56 -3.38
CA ALA B 59 -0.73 5.22 -3.15
C ALA B 59 -0.43 4.53 -4.46
N LYS B 60 0.58 3.67 -4.43
CA LYS B 60 0.93 2.80 -5.56
C LYS B 60 1.09 1.38 -5.03
N ARG B 61 0.31 0.45 -5.58
CA ARG B 61 0.31 -0.92 -5.10
C ARG B 61 0.24 -1.90 -6.27
N VAL B 62 0.66 -3.14 -6.03
CA VAL B 62 0.43 -4.20 -7.01
C VAL B 62 -0.03 -5.42 -6.24
N PHE B 63 -1.05 -6.06 -6.77
CA PHE B 63 -1.58 -7.26 -6.14
C PHE B 63 -1.41 -8.43 -7.10
N ASP B 64 -0.64 -9.44 -6.68
CA ASP B 64 -0.35 -10.56 -7.57
C ASP B 64 -1.52 -11.55 -7.56
N THR B 65 -2.58 -11.18 -8.28
CA THR B 65 -3.84 -11.93 -8.23
C THR B 65 -3.73 -13.22 -9.07
N TYR B 66 -2.57 -13.46 -9.66
CA TYR B 66 -2.28 -14.79 -10.20
C TYR B 66 -2.06 -15.76 -9.04
N SER B 67 -1.57 -15.25 -7.92
CA SER B 67 -1.27 -16.06 -6.74
C SER B 67 -2.42 -16.04 -5.74
N PRO B 68 -2.55 -17.11 -4.92
CA PRO B 68 -3.65 -17.21 -3.96
C PRO B 68 -3.80 -16.00 -3.01
N HIS B 69 -5.05 -15.54 -2.83
CA HIS B 69 -5.48 -14.61 -1.76
C HIS B 69 -5.05 -13.14 -1.90
N GLU B 70 -4.24 -12.81 -2.90
CA GLU B 70 -3.85 -11.41 -3.12
C GLU B 70 -5.06 -10.57 -3.49
N ASP B 71 -6.04 -11.24 -4.10
CA ASP B 71 -7.28 -10.60 -4.50
C ASP B 71 -8.02 -10.05 -3.28
N GLU B 72 -7.95 -10.78 -2.17
CA GLU B 72 -8.52 -10.33 -0.91
C GLU B 72 -7.80 -9.07 -0.41
N ALA B 73 -6.48 -9.04 -0.50
CA ALA B 73 -5.72 -7.85 -0.12
C ALA B 73 -6.11 -6.66 -0.98
N MET B 74 -6.32 -6.92 -2.27
CA MET B 74 -6.71 -5.88 -3.21
C MET B 74 -8.06 -5.29 -2.84
N VAL B 75 -9.00 -6.16 -2.47
CA VAL B 75 -10.32 -5.72 -2.05
C VAL B 75 -10.25 -4.84 -0.80
N LEU B 76 -9.46 -5.26 0.19
CA LEU B 76 -9.32 -4.50 1.43
C LEU B 76 -8.68 -3.14 1.16
N PHE B 77 -7.71 -3.12 0.24
CA PHE B 77 -7.10 -1.86 -0.21
C PHE B 77 -8.12 -0.93 -0.83
N LEU B 78 -8.86 -1.44 -1.82
CA LEU B 78 -9.84 -0.62 -2.53
C LEU B 78 -10.94 -0.14 -1.61
N ASN B 79 -11.38 -1.00 -0.69
CA ASN B 79 -12.40 -0.62 0.27
C ASN B 79 -12.14 0.70 1.00
N MET B 80 -10.89 0.91 1.41
CA MET B 80 -10.56 2.09 2.22
C MET B 80 -10.17 3.30 1.39
N VAL B 81 -10.21 3.17 0.06
CA VAL B 81 -10.10 4.35 -0.78
C VAL B 81 -11.41 5.14 -0.70
N ALA B 82 -11.32 6.46 -0.45
CA ALA B 82 -12.51 7.28 -0.38
C ALA B 82 -13.19 7.35 -1.74
N PRO B 83 -14.53 7.23 -1.77
CA PRO B 83 -15.24 7.54 -3.00
C PRO B 83 -14.77 8.90 -3.52
N GLY B 84 -14.50 8.99 -4.82
CA GLY B 84 -14.08 10.26 -5.39
C GLY B 84 -12.64 10.25 -5.88
N ARG B 85 -11.77 9.47 -5.22
CA ARG B 85 -10.36 9.35 -5.63
C ARG B 85 -10.26 8.80 -7.04
N VAL B 86 -9.19 9.17 -7.75
CA VAL B 86 -8.99 8.59 -9.06
C VAL B 86 -8.24 7.27 -8.94
N LEU B 87 -8.76 6.26 -9.64
CA LEU B 87 -8.15 4.93 -9.71
C LEU B 87 -7.57 4.70 -11.09
N ILE B 88 -6.33 4.23 -11.11
CA ILE B 88 -5.68 3.79 -12.35
C ILE B 88 -5.29 2.34 -12.16
N CYS B 89 -5.77 1.46 -13.05
CA CYS B 89 -5.43 0.04 -12.95
C CYS B 89 -4.77 -0.44 -14.22
N THR B 90 -3.78 -1.33 -14.07
CA THR B 90 -3.12 -1.90 -15.24
C THR B 90 -2.54 -3.27 -14.89
N VAL B 91 -2.70 -4.22 -15.80
CA VAL B 91 -2.27 -5.58 -15.55
C VAL B 91 -0.89 -5.88 -16.13
N LYS B 92 -0.03 -6.50 -15.34
CA LYS B 92 1.21 -7.05 -15.89
C LYS B 92 1.13 -8.57 -15.90
N ASP B 93 1.29 -9.14 -17.09
CA ASP B 93 1.37 -10.60 -17.29
C ASP B 93 0.03 -11.34 -17.02
N GLU B 94 -0.41 -11.40 -15.77
CA GLU B 94 -1.59 -12.22 -15.45
C GLU B 94 -2.20 -11.72 -14.16
N GLY B 95 -3.52 -11.49 -14.16
CA GLY B 95 -4.17 -10.96 -12.98
C GLY B 95 -5.45 -11.69 -12.64
N SER B 96 -5.70 -12.82 -13.30
CA SER B 96 -7.00 -13.48 -13.15
C SER B 96 -6.99 -14.83 -12.39
N PHE B 97 -5.85 -15.51 -12.35
CA PHE B 97 -5.85 -16.93 -11.95
C PHE B 97 -6.50 -17.16 -10.58
N HIS B 98 -6.21 -16.31 -9.60
CA HIS B 98 -6.87 -16.38 -8.29
C HIS B 98 -7.59 -15.09 -7.96
N LEU B 99 -8.19 -14.51 -9.00
CA LEU B 99 -9.11 -13.39 -8.85
C LEU B 99 -10.50 -13.98 -8.62
N LYS B 100 -10.89 -14.09 -7.36
CA LYS B 100 -12.15 -14.77 -7.05
C LYS B 100 -13.35 -13.85 -7.29
N ASP B 101 -14.56 -14.38 -7.13
CA ASP B 101 -15.75 -13.69 -7.65
C ASP B 101 -16.00 -12.32 -7.01
N THR B 102 -15.72 -12.19 -5.72
CA THR B 102 -15.87 -10.91 -5.03
C THR B 102 -14.94 -9.85 -5.62
N ALA B 103 -13.64 -10.15 -5.66
CA ALA B 103 -12.67 -9.23 -6.23
C ALA B 103 -12.92 -9.02 -7.71
N LYS B 104 -13.21 -10.10 -8.43
CA LYS B 104 -13.46 -10.00 -9.86
C LYS B 104 -14.63 -9.06 -10.11
N ALA B 105 -15.67 -9.17 -9.31
CA ALA B 105 -16.86 -8.34 -9.50
C ALA B 105 -16.64 -6.88 -9.12
N LEU B 106 -16.03 -6.65 -7.96
CA LEU B 106 -15.88 -5.30 -7.38
C LEU B 106 -15.45 -4.26 -8.40
N LEU B 107 -14.65 -4.69 -9.35
CA LEU B 107 -14.26 -3.84 -10.46
C LEU B 107 -15.47 -3.37 -11.29
N ARG B 108 -16.51 -4.21 -11.43
CA ARG B 108 -17.70 -3.79 -12.17
C ARG B 108 -18.41 -2.64 -11.45
N SER B 109 -18.43 -2.69 -10.12
CA SER B 109 -19.07 -1.63 -9.33
C SER B 109 -18.30 -0.32 -9.45
N LEU B 110 -17.02 -0.44 -9.84
CA LEU B 110 -16.13 0.70 -9.99
C LEU B 110 -16.28 1.37 -11.36
N GLY B 111 -17.05 0.72 -12.24
CA GLY B 111 -17.29 1.24 -13.57
C GLY B 111 -16.65 0.39 -14.67
N SER B 112 -15.73 -0.48 -14.29
CA SER B 112 -15.03 -1.30 -15.28
C SER B 112 -15.93 -2.36 -15.89
N GLN B 113 -15.99 -2.37 -17.22
CA GLN B 113 -16.74 -3.39 -17.94
C GLN B 113 -15.88 -4.64 -18.07
N ALA B 114 -14.57 -4.44 -18.16
CA ALA B 114 -13.62 -5.51 -18.43
C ALA B 114 -13.04 -6.17 -17.18
N GLY B 115 -12.84 -5.40 -16.10
CA GLY B 115 -12.32 -5.94 -14.84
C GLY B 115 -13.09 -7.14 -14.33
N PRO B 116 -14.44 -7.07 -14.39
CA PRO B 116 -15.23 -8.30 -14.39
C PRO B 116 -15.08 -8.98 -15.73
N ALA B 117 -14.86 -10.29 -15.70
CA ALA B 117 -14.29 -11.00 -16.82
C ALA B 117 -12.93 -10.41 -17.16
N LEU B 118 -12.13 -10.12 -16.13
CA LEU B 118 -10.69 -10.23 -16.35
C LEU B 118 -10.44 -11.74 -16.46
N GLY B 119 -9.90 -12.15 -17.60
CA GLY B 119 -9.62 -13.56 -17.83
C GLY B 119 -8.13 -13.84 -17.91
N TRP B 120 -7.82 -15.13 -18.06
CA TRP B 120 -6.46 -15.65 -18.07
C TRP B 120 -5.54 -14.98 -19.10
N ARG B 121 -4.50 -14.33 -18.58
CA ARG B 121 -3.49 -13.64 -19.40
C ARG B 121 -4.06 -12.52 -20.29
N ASP B 122 -5.24 -12.02 -19.95
CA ASP B 122 -5.82 -10.80 -20.54
C ASP B 122 -5.03 -9.60 -20.12
N THR B 123 -5.01 -8.58 -20.98
CA THR B 123 -4.49 -7.27 -20.59
C THR B 123 -5.62 -6.28 -20.35
N TRP B 124 -5.35 -5.24 -19.55
CA TRP B 124 -6.41 -4.37 -19.05
C TRP B 124 -5.83 -3.08 -18.53
N ALA B 125 -6.39 -1.96 -18.98
CA ALA B 125 -6.01 -0.64 -18.49
C ALA B 125 -7.29 0.15 -18.16
N PHE B 126 -7.27 0.85 -17.04
CA PHE B 126 -8.48 1.53 -16.54
C PHE B 126 -8.14 2.83 -15.85
N VAL B 127 -8.94 3.87 -16.12
CA VAL B 127 -8.81 5.14 -15.40
C VAL B 127 -10.21 5.65 -15.06
N GLY B 128 -10.49 5.86 -13.77
CA GLY B 128 -11.80 6.34 -13.39
C GLY B 128 -11.88 6.69 -11.92
N ARG B 129 -12.84 7.54 -11.55
CA ARG B 129 -13.00 7.91 -10.14
C ARG B 129 -13.79 6.84 -9.41
N LYS B 130 -13.41 6.57 -8.17
CA LYS B 130 -14.19 5.64 -7.37
C LYS B 130 -15.57 6.24 -7.15
N GLY B 131 -16.59 5.52 -7.60
CA GLY B 131 -17.94 6.02 -7.57
C GLY B 131 -18.33 6.66 -8.89
N GLY B 132 -17.47 6.49 -9.90
CA GLY B 132 -17.68 7.05 -11.22
C GLY B 132 -17.32 8.52 -11.27
N PRO B 133 -17.10 9.07 -12.48
CA PRO B 133 -17.22 8.36 -13.76
C PRO B 133 -15.92 7.68 -14.20
N VAL B 134 -16.01 6.97 -15.33
CA VAL B 134 -14.85 6.33 -15.93
C VAL B 134 -14.28 7.26 -16.98
N PHE B 135 -12.95 7.40 -17.00
CA PHE B 135 -12.29 8.27 -17.97
C PHE B 135 -11.65 7.52 -19.14
N GLY B 136 -11.43 6.22 -18.98
CA GLY B 136 -10.92 5.42 -20.08
C GLY B 136 -10.76 3.97 -19.67
N GLU B 137 -10.94 3.07 -20.64
CA GLU B 137 -10.72 1.66 -20.42
C GLU B 137 -10.32 0.94 -21.71
N LYS B 138 -9.35 0.03 -21.59
CA LYS B 138 -9.01 -0.88 -22.69
C LYS B 138 -8.77 -2.27 -22.17
N HIS B 139 -8.98 -3.25 -23.03
CA HIS B 139 -8.88 -4.65 -22.64
C HIS B 139 -8.59 -5.48 -23.87
N SER B 140 -7.79 -6.52 -23.70
CA SER B 140 -7.49 -7.44 -24.78
C SER B 140 -7.57 -8.84 -24.23
N LYS B 141 -8.35 -9.68 -24.89
CA LYS B 141 -8.52 -11.07 -24.48
C LYS B 141 -7.42 -11.97 -25.03
N SER B 142 -6.80 -12.76 -24.16
CA SER B 142 -5.92 -13.84 -24.63
C SER B 142 -6.70 -14.75 -25.56
N PRO B 143 -6.11 -15.07 -26.71
CA PRO B 143 -6.76 -15.92 -27.73
C PRO B 143 -6.53 -17.41 -27.52
N ALA B 144 -5.58 -17.74 -26.65
CA ALA B 144 -5.20 -19.14 -26.45
C ALA B 144 -4.47 -19.25 -25.11
N LEU B 145 -4.50 -20.43 -24.50
CA LEU B 145 -4.00 -20.56 -23.14
C LEU B 145 -2.51 -20.21 -23.02
N SER B 146 -1.74 -20.45 -24.08
CA SER B 146 -0.32 -20.15 -24.06
C SER B 146 -0.01 -18.77 -24.63
N SER B 147 -1.06 -17.96 -24.80
CA SER B 147 -0.92 -16.60 -25.31
C SER B 147 -1.44 -15.57 -24.33
N TRP B 148 -1.07 -14.31 -24.57
CA TRP B 148 -1.52 -13.17 -23.80
C TRP B 148 -2.42 -12.31 -24.67
N GLY B 149 -3.33 -11.55 -24.06
CA GLY B 149 -3.99 -10.49 -24.80
C GLY B 149 -2.94 -9.54 -25.38
N ASP B 150 -3.29 -8.80 -26.43
CA ASP B 150 -2.32 -7.85 -26.97
C ASP B 150 -2.11 -6.68 -26.00
N PRO B 151 -0.94 -6.05 -26.04
CA PRO B 151 -0.78 -4.87 -25.20
C PRO B 151 -1.83 -3.80 -25.50
N VAL B 152 -2.25 -3.07 -24.47
CA VAL B 152 -3.15 -1.96 -24.69
C VAL B 152 -2.54 -0.71 -24.06
N LEU B 153 -2.68 0.41 -24.76
CA LEU B 153 -2.11 1.70 -24.36
C LEU B 153 -3.23 2.72 -24.30
N LEU B 154 -3.70 3.00 -23.09
CA LEU B 154 -4.83 3.87 -22.90
C LEU B 154 -4.33 5.28 -22.65
N LYS B 155 -4.81 6.22 -23.46
CA LYS B 155 -4.51 7.62 -23.24
C LYS B 155 -5.80 8.38 -23.01
N THR B 156 -5.89 9.07 -21.89
CA THR B 156 -7.07 9.84 -21.60
C THR B 156 -6.64 10.95 -20.66
N ASP B 157 -7.58 11.66 -20.08
CA ASP B 157 -7.19 12.67 -19.11
C ASP B 157 -8.20 12.69 -17.99
N VAL B 158 -7.81 13.31 -16.90
CA VAL B 158 -8.65 13.35 -15.72
C VAL B 158 -8.89 14.81 -15.38
N PRO B 159 -10.15 15.21 -15.34
CA PRO B 159 -10.41 16.57 -14.84
C PRO B 159 -10.23 16.65 -13.33
N LEU B 160 -9.52 17.64 -12.84
CA LEU B 160 -9.40 17.82 -11.40
C LEU B 160 -10.64 18.51 -10.82
N SER B 161 -10.96 18.18 -9.57
CA SER B 161 -12.08 18.80 -8.87
C SER B 161 -11.69 20.12 -8.22
N THR C 2 -7.50 22.17 13.35
CA THR C 2 -6.43 21.27 13.79
C THR C 2 -5.20 22.09 14.14
N PRO C 3 -4.82 22.10 15.43
CA PRO C 3 -3.70 22.89 15.92
C PRO C 3 -2.43 22.69 15.12
N THR C 4 -1.64 23.74 15.05
CA THR C 4 -0.30 23.69 14.44
C THR C 4 0.63 24.45 15.38
N PRO C 5 1.91 24.07 15.43
CA PRO C 5 2.85 24.86 16.23
C PRO C 5 3.05 26.24 15.59
N VAL C 6 3.59 27.20 16.33
CA VAL C 6 3.92 27.08 17.75
C VAL C 6 2.92 27.86 18.58
N THR D 2 2.66 -20.25 -5.93
CA THR D 2 3.00 -21.64 -6.26
C THR D 2 2.22 -22.15 -7.48
N PRO D 3 0.87 -22.23 -7.39
CA PRO D 3 0.16 -23.03 -8.38
C PRO D 3 0.22 -22.52 -9.82
N THR D 4 0.18 -23.45 -10.76
CA THR D 4 0.05 -23.12 -12.18
C THR D 4 -1.09 -23.94 -12.77
N PRO D 5 -1.78 -23.40 -13.79
CA PRO D 5 -2.84 -24.18 -14.44
C PRO D 5 -2.26 -25.42 -15.11
N VAL D 6 -3.07 -26.42 -15.42
CA VAL D 6 -4.46 -26.50 -15.04
C VAL D 6 -4.59 -27.34 -13.77
N THR D 7 -5.23 -26.77 -12.75
CA THR D 7 -5.30 -27.39 -11.43
C THR D 7 -6.18 -28.64 -11.45
N ALA D 8 -5.74 -29.68 -10.73
CA ALA D 8 -6.56 -30.86 -10.53
C ALA D 8 -7.85 -30.45 -9.85
N ILE D 9 -8.95 -31.06 -10.25
CA ILE D 9 -10.24 -30.66 -9.72
C ILE D 9 -10.58 -31.50 -8.50
N GLY D 10 -9.96 -32.67 -8.38
CA GLY D 10 -10.01 -33.43 -7.15
C GLY D 10 -11.28 -34.23 -6.96
C1 MAN E . 0.86 23.82 11.07
C2 MAN E . 2.23 23.19 10.71
C3 MAN E . 3.29 24.27 10.70
C4 MAN E . 2.88 25.38 9.73
C5 MAN E . 1.51 25.98 10.19
C6 MAN E . 0.97 27.05 9.26
O2 MAN E . 2.21 22.76 9.39
O3 MAN E . 4.56 23.76 10.30
O4 MAN E . 3.90 26.39 9.72
O5 MAN E . 0.53 24.91 10.25
O6 MAN E . -0.34 27.44 9.74
C1 NAG E . 1.60 21.47 9.25
C2 NAG E . 1.18 21.34 7.80
C3 NAG E . 0.65 19.92 7.51
C4 NAG E . 1.65 18.88 7.97
C5 NAG E . 2.01 19.13 9.44
C6 NAG E . 3.07 18.19 9.97
C7 NAG E . 0.46 23.45 6.79
C8 NAG E . -0.69 24.38 6.52
N2 NAG E . 0.17 22.33 7.46
O3 NAG E . 0.45 19.80 6.10
O4 NAG E . 1.08 17.58 7.86
O5 NAG E . 2.54 20.47 9.57
O6 NAG E . 4.29 18.25 9.23
O7 NAG E . 1.60 23.71 6.43
C1 MAN F . 2.44 -22.20 -14.65
C2 MAN F . 1.95 -21.35 -15.82
C3 MAN F . 1.67 -22.26 -17.03
C4 MAN F . 2.88 -23.10 -17.35
C5 MAN F . 3.25 -23.92 -16.14
C6 MAN F . 4.52 -24.73 -16.35
O2 MAN F . 2.99 -20.53 -16.28
O3 MAN F . 1.36 -21.50 -18.18
O4 MAN F . 2.58 -23.98 -18.43
O5 MAN F . 3.51 -23.03 -15.02
O6 MAN F . 4.73 -25.50 -15.16
C1 NAG F . 3.16 -19.38 -15.44
C2 NAG F . 4.61 -18.92 -15.60
C3 NAG F . 4.83 -17.58 -14.89
C4 NAG F . 3.80 -16.57 -15.35
C5 NAG F . 2.40 -17.14 -15.15
C6 NAG F . 1.31 -16.23 -15.67
C7 NAG F . 6.16 -20.81 -15.85
C8 NAG F . 7.05 -21.78 -15.14
N2 NAG F . 5.52 -19.93 -15.08
O3 NAG F . 6.13 -17.10 -15.18
O4 NAG F . 3.91 -15.39 -14.56
O5 NAG F . 2.29 -18.37 -15.89
O6 NAG F . 1.50 -15.93 -17.05
O7 NAG F . 6.02 -20.83 -17.07
NA NA G . 7.10 25.04 8.79
NA NA H . 11.92 12.56 5.56
NA NA I . -7.34 -17.61 -3.74
NA NA J . 1.69 -21.97 -21.32
NA NA K . -8.36 7.77 0.03
#